data_9RDA
#
_entry.id   9RDA
#
_cell.length_a   43.62
_cell.length_b   108.04
_cell.length_c   115.2
_cell.angle_alpha   90
_cell.angle_beta   90
_cell.angle_gamma   90
#
_symmetry.space_group_name_H-M   'P 21 21 21'
#
loop_
_entity.id
_entity.type
_entity.pdbx_description
1 polymer 'Activin receptor type-1'
2 polymer 'Peptidyl-prolyl cis-trans isomerase FKBP1A'
3 non-polymer Zilurgisertib
4 non-polymer 1,2-ETHANEDIOL
5 water water
#
loop_
_entity_poly.entity_id
_entity_poly.type
_entity_poly.pdbx_seq_one_letter_code
_entity_poly.pdbx_strand_id
1 'polypeptide(L)'
;SSMTTNVGDSTLADLLDHSCTSGSGSGLPFLVQRTVARQITLLECVGKGRYGEVWRGSWQGENVAVKIFSSRDEKSWFRE
TELYNTVMLRHENILGFIASDMTSRHSSTQLWLITHYHEMGSLYDYLQLTTLDTVSCLRIVLSIASGLAHLHIEIFGTQG
KPAIAHRDLKSKNILVKKNGQCCIADLGLAVMHSQSTNQLDVGNNPRVGTKRYMAPEVLDETIQVDCFDSYKRVDIWAFG
LVLWEVARRMVSNGIVEDYKPPFYDVVPNDPSFEDMRKVVCVDQQRPNIPNRWFSDPTLTSLAKLMKECWYQNPSARLTA
LRIKKTLTKI
;
A
2 'polypeptide(L)'
;GPGVQVETISPGDGRTFPKRGQTCVVHYTGMLEDGKKFDSSRDRNKPFKFMLGKQEVIRGWEEGVAQMSVGQRAKLTISP
DYAYGATGHPGIIPPHATLVFDVELLKLE
;
B
#
loop_
_chem_comp.id
_chem_comp.type
_chem_comp.name
_chem_comp.formula
A1JFB non-polymer Zilurgisertib 'C30 H40 N4 O3'
EDO non-polymer 1,2-ETHANEDIOL 'C2 H6 O2'
#
# COMPACT_ATOMS: atom_id res chain seq x y z
N THR A 4 -18.66 -19.33 -16.81
CA THR A 4 -17.89 -19.16 -15.57
C THR A 4 -18.45 -17.99 -14.72
N THR A 5 -19.16 -17.02 -15.33
CA THR A 5 -19.76 -15.93 -14.58
C THR A 5 -21.06 -16.42 -13.96
N ASN A 6 -21.35 -16.02 -12.73
CA ASN A 6 -22.61 -16.37 -12.10
C ASN A 6 -23.40 -15.10 -11.76
N VAL A 7 -24.73 -15.20 -11.68
CA VAL A 7 -25.55 -14.05 -11.28
C VAL A 7 -25.18 -13.69 -9.82
N GLY A 8 -24.93 -12.42 -9.57
CA GLY A 8 -24.51 -11.92 -8.26
C GLY A 8 -23.03 -11.62 -8.18
N ASP A 9 -22.22 -12.11 -9.13
CA ASP A 9 -20.79 -11.87 -9.15
C ASP A 9 -20.49 -10.39 -9.24
N SER A 10 -19.51 -9.96 -8.47
CA SER A 10 -19.04 -8.59 -8.46
C SER A 10 -17.63 -8.53 -9.00
N THR A 11 -17.27 -7.39 -9.61
CA THR A 11 -15.91 -7.16 -10.03
C THR A 11 -15.16 -6.53 -8.83
N LEU A 12 -13.84 -6.37 -8.92
CA LEU A 12 -13.06 -5.73 -7.86
C LEU A 12 -13.50 -4.30 -7.64
N ALA A 13 -13.83 -3.57 -8.73
CA ALA A 13 -14.31 -2.19 -8.60
C ALA A 13 -15.58 -2.12 -7.72
N ASP A 14 -16.50 -3.06 -7.90
CA ASP A 14 -17.75 -3.06 -7.14
C ASP A 14 -17.48 -3.44 -5.67
N LEU A 15 -16.60 -4.40 -5.44
CA LEU A 15 -16.24 -4.83 -4.09
C LEU A 15 -15.50 -3.70 -3.34
N LEU A 16 -14.76 -2.87 -4.06
CA LEU A 16 -13.98 -1.76 -3.44
C LEU A 16 -14.88 -0.56 -3.19
N ASP A 17 -16.03 -0.51 -3.83
CA ASP A 17 -16.96 0.62 -3.64
C ASP A 17 -17.80 0.35 -2.38
N HIS A 18 -17.42 0.97 -1.27
CA HIS A 18 -18.18 0.80 -0.01
C HIS A 18 -17.88 1.98 0.91
N SER A 24 -13.54 2.10 7.21
CA SER A 24 -13.61 0.83 6.44
C SER A 24 -12.31 0.60 5.64
N GLY A 25 -11.32 1.47 5.79
CA GLY A 25 -10.02 1.21 5.16
C GLY A 25 -9.95 1.49 3.66
N SER A 26 -8.83 1.17 3.03
CA SER A 26 -8.59 1.49 1.61
C SER A 26 -9.02 0.37 0.65
N GLY A 27 -9.02 -0.88 1.10
CA GLY A 27 -9.30 -1.99 0.20
C GLY A 27 -10.66 -2.63 0.36
N LEU A 28 -10.72 -3.94 0.10
CA LEU A 28 -11.93 -4.72 0.16
C LEU A 28 -12.40 -4.82 1.61
N PRO A 29 -13.70 -5.12 1.81
CA PRO A 29 -14.18 -5.39 3.18
C PRO A 29 -13.36 -6.51 3.83
N PHE A 30 -13.13 -6.40 5.14
CA PHE A 30 -12.27 -7.32 5.90
C PHE A 30 -12.33 -8.81 5.49
N LEU A 31 -13.49 -9.50 5.63
CA LEU A 31 -13.54 -10.92 5.28
C LEU A 31 -13.35 -11.19 3.82
N VAL A 32 -13.74 -10.24 2.97
CA VAL A 32 -13.59 -10.38 1.54
C VAL A 32 -12.10 -10.41 1.13
N GLN A 33 -11.20 -9.76 1.92
CA GLN A 33 -9.77 -9.76 1.62
C GLN A 33 -9.21 -11.19 1.55
N ARG A 34 -9.55 -12.05 2.53
CA ARG A 34 -9.04 -13.43 2.52
C ARG A 34 -9.61 -14.25 1.37
N THR A 35 -10.91 -14.13 1.13
CA THR A 35 -11.57 -14.90 0.09
C THR A 35 -10.98 -14.54 -1.29
N VAL A 36 -10.88 -13.24 -1.59
CA VAL A 36 -10.29 -12.80 -2.85
C VAL A 36 -8.82 -13.21 -2.93
N ALA A 37 -8.01 -12.99 -1.86
CA ALA A 37 -6.60 -13.40 -1.92
C ALA A 37 -6.44 -14.90 -2.25
N ARG A 38 -7.29 -15.73 -1.65
CA ARG A 38 -7.19 -17.18 -1.83
C ARG A 38 -7.84 -17.70 -3.13
N GLN A 39 -8.42 -16.80 -3.93
CA GLN A 39 -8.97 -17.13 -5.24
C GLN A 39 -8.09 -16.60 -6.39
N ILE A 40 -6.99 -15.90 -6.11
CA ILE A 40 -6.11 -15.37 -7.15
C ILE A 40 -5.26 -16.48 -7.76
N THR A 41 -5.08 -16.41 -9.09
CA THR A 41 -4.18 -17.31 -9.77
C THR A 41 -2.88 -16.51 -10.05
N LEU A 42 -1.73 -16.95 -9.49
CA LEU A 42 -0.47 -16.28 -9.78
C LEU A 42 -0.07 -16.65 -11.21
N LEU A 43 0.46 -15.66 -11.94
CA LEU A 43 0.78 -15.88 -13.35
C LEU A 43 2.27 -15.63 -13.70
N GLU A 44 2.82 -14.45 -13.35
CA GLU A 44 4.20 -14.16 -13.75
C GLU A 44 4.93 -13.30 -12.75
N CYS A 45 6.20 -13.62 -12.46
CA CYS A 45 6.97 -12.80 -11.52
C CYS A 45 7.47 -11.57 -12.26
N VAL A 46 7.03 -10.39 -11.82
CA VAL A 46 7.35 -9.14 -12.49
C VAL A 46 8.37 -8.26 -11.71
N GLY A 47 8.79 -8.70 -10.52
CA GLY A 47 9.75 -7.96 -9.73
C GLY A 47 10.25 -8.73 -8.54
N LYS A 48 11.47 -8.42 -8.12
CA LYS A 48 12.12 -8.98 -6.95
C LYS A 48 12.96 -7.89 -6.29
N GLY A 49 13.10 -7.97 -4.98
CA GLY A 49 13.89 -7.01 -4.23
C GLY A 49 14.05 -7.44 -2.79
N ARG A 50 14.46 -6.49 -1.94
CA ARG A 50 14.65 -6.78 -0.51
C ARG A 50 13.35 -7.25 0.15
N TYR A 51 12.22 -6.69 -0.32
CA TYR A 51 10.89 -6.98 0.15
C TYR A 51 10.41 -8.41 -0.08
N GLY A 52 10.96 -9.08 -1.08
CA GLY A 52 10.52 -10.40 -1.52
C GLY A 52 10.28 -10.37 -3.03
N GLU A 53 9.03 -10.64 -3.48
CA GLU A 53 8.75 -10.67 -4.91
C GLU A 53 7.38 -10.15 -5.23
N VAL A 54 7.18 -9.69 -6.48
CA VAL A 54 5.87 -9.22 -6.90
C VAL A 54 5.48 -9.95 -8.16
N TRP A 55 4.23 -10.38 -8.21
CA TRP A 55 3.69 -11.18 -9.29
C TRP A 55 2.47 -10.54 -9.90
N ARG A 56 2.29 -10.76 -11.18
CA ARG A 56 1.05 -10.46 -11.86
C ARG A 56 0.19 -11.69 -11.53
N GLY A 57 -1.00 -11.42 -11.00
CA GLY A 57 -1.98 -12.45 -10.71
C GLY A 57 -3.31 -12.10 -11.38
N SER A 58 -4.23 -13.04 -11.39
CA SER A 58 -5.57 -12.77 -11.94
C SER A 58 -6.66 -13.23 -10.98
N TRP A 59 -7.77 -12.47 -10.89
CA TRP A 59 -8.91 -12.81 -10.06
C TRP A 59 -10.12 -12.55 -10.92
N GLN A 60 -10.86 -13.60 -11.29
CA GLN A 60 -12.06 -13.44 -12.15
C GLN A 60 -11.79 -12.66 -13.43
N GLY A 61 -10.69 -12.98 -14.12
CA GLY A 61 -10.31 -12.30 -15.35
C GLY A 61 -9.70 -10.91 -15.19
N GLU A 62 -9.48 -10.43 -13.95
CA GLU A 62 -8.88 -9.11 -13.72
C GLU A 62 -7.46 -9.24 -13.23
N ASN A 63 -6.53 -8.41 -13.74
CA ASN A 63 -5.14 -8.44 -13.26
C ASN A 63 -5.01 -7.75 -11.95
N VAL A 64 -4.18 -8.31 -11.07
CA VAL A 64 -3.81 -7.70 -9.80
C VAL A 64 -2.32 -7.93 -9.58
N ALA A 65 -1.71 -7.12 -8.70
CA ALA A 65 -0.30 -7.37 -8.33
C ALA A 65 -0.31 -8.06 -6.98
N VAL A 66 0.46 -9.13 -6.86
CA VAL A 66 0.57 -9.85 -5.60
C VAL A 66 2.01 -9.70 -5.09
N LYS A 67 2.17 -8.97 -4.00
CA LYS A 67 3.48 -8.84 -3.36
C LYS A 67 3.61 -9.92 -2.28
N ILE A 68 4.61 -10.81 -2.41
CA ILE A 68 4.86 -11.91 -1.49
C ILE A 68 6.12 -11.58 -0.72
N PHE A 69 5.96 -11.26 0.55
CA PHE A 69 7.05 -10.79 1.38
C PHE A 69 8.09 -11.83 1.75
N SER A 70 9.36 -11.40 1.81
CA SER A 70 10.42 -12.29 2.28
C SER A 70 10.27 -12.43 3.79
N SER A 71 10.79 -13.53 4.33
CA SER A 71 10.79 -13.75 5.78
C SER A 71 11.54 -12.60 6.51
N ARG A 72 12.50 -11.94 5.82
CA ARG A 72 13.28 -10.84 6.38
C ARG A 72 12.50 -9.52 6.45
N ASP A 73 11.37 -9.40 5.74
CA ASP A 73 10.62 -8.14 5.71
C ASP A 73 9.17 -8.26 6.19
N GLU A 74 8.89 -9.15 7.17
CA GLU A 74 7.54 -9.35 7.71
C GLU A 74 7.00 -8.09 8.37
N LYS A 75 7.87 -7.29 9.01
CA LYS A 75 7.40 -6.08 9.67
C LYS A 75 6.92 -5.01 8.69
N SER A 76 7.42 -5.03 7.43
CA SER A 76 6.90 -4.11 6.41
C SER A 76 5.50 -4.56 5.96
N TRP A 77 5.23 -5.88 5.89
CA TRP A 77 3.89 -6.37 5.57
C TRP A 77 2.91 -5.90 6.65
N PHE A 78 3.31 -6.02 7.91
CA PHE A 78 2.45 -5.64 9.02
C PHE A 78 2.14 -4.15 8.96
N ARG A 79 3.17 -3.34 8.77
CA ARG A 79 3.00 -1.89 8.75
C ARG A 79 2.16 -1.40 7.56
N GLU A 80 2.46 -1.91 6.37
CA GLU A 80 1.75 -1.49 5.16
C GLU A 80 0.26 -1.93 5.21
N THR A 81 -0.01 -3.14 5.74
CA THR A 81 -1.39 -3.64 5.90
C THR A 81 -2.11 -2.79 6.94
N GLU A 82 -1.43 -2.47 8.04
CA GLU A 82 -2.00 -1.62 9.08
C GLU A 82 -2.39 -0.26 8.54
N LEU A 83 -1.51 0.35 7.75
CA LEU A 83 -1.77 1.69 7.21
C LEU A 83 -2.96 1.71 6.25
N TYR A 84 -2.95 0.82 5.26
CA TYR A 84 -4.03 0.78 4.27
C TYR A 84 -5.37 0.37 4.88
N ASN A 85 -5.35 -0.41 5.97
CA ASN A 85 -6.61 -0.80 6.61
C ASN A 85 -7.13 0.28 7.56
N THR A 86 -6.26 1.09 8.15
CA THR A 86 -6.72 2.12 9.09
C THR A 86 -6.99 3.46 8.46
N VAL A 87 -6.37 3.75 7.32
CA VAL A 87 -6.57 5.04 6.65
C VAL A 87 -7.23 4.77 5.31
N MET A 88 -8.20 5.60 4.93
CA MET A 88 -8.79 5.52 3.61
C MET A 88 -7.86 6.28 2.68
N LEU A 89 -7.01 5.55 1.98
CA LEU A 89 -6.01 6.15 1.09
C LEU A 89 -6.40 5.80 -0.31
N ARG A 90 -7.13 6.67 -0.95
CA ARG A 90 -7.56 6.45 -2.32
C ARG A 90 -7.24 7.67 -3.12
N HIS A 91 -6.22 7.55 -3.96
CA HIS A 91 -5.78 8.70 -4.76
C HIS A 91 -5.14 8.18 -6.03
N GLU A 92 -5.33 8.90 -7.14
CA GLU A 92 -4.78 8.47 -8.42
C GLU A 92 -3.26 8.29 -8.43
N ASN A 93 -2.53 9.02 -7.58
CA ASN A 93 -1.08 8.90 -7.55
C ASN A 93 -0.55 8.14 -6.32
N ILE A 94 -1.39 7.29 -5.71
CA ILE A 94 -0.95 6.43 -4.62
C ILE A 94 -1.38 5.01 -5.04
N LEU A 95 -0.47 4.04 -5.02
CA LEU A 95 -0.81 2.66 -5.38
C LEU A 95 -2.06 2.12 -4.60
N GLY A 96 -3.08 1.74 -5.33
CA GLY A 96 -4.33 1.27 -4.74
C GLY A 96 -4.20 -0.08 -4.08
N PHE A 97 -4.55 -0.14 -2.81
CA PHE A 97 -4.55 -1.39 -2.07
C PHE A 97 -5.88 -2.12 -2.30
N ILE A 98 -5.81 -3.44 -2.41
CA ILE A 98 -6.98 -4.30 -2.57
C ILE A 98 -7.16 -5.20 -1.32
N ALA A 99 -6.10 -5.91 -0.92
CA ALA A 99 -6.24 -6.89 0.18
C ALA A 99 -4.91 -7.27 0.76
N SER A 100 -4.96 -7.75 2.00
CA SER A 100 -3.78 -8.37 2.65
C SER A 100 -4.21 -9.71 3.24
N ASP A 101 -3.33 -10.70 3.11
CA ASP A 101 -3.68 -12.04 3.64
C ASP A 101 -2.45 -12.79 4.14
N MET A 102 -2.66 -13.60 5.17
CA MET A 102 -1.59 -14.46 5.70
C MET A 102 -2.00 -15.91 5.39
N THR A 103 -1.15 -16.64 4.69
CA THR A 103 -1.44 -18.06 4.32
C THR A 103 -0.15 -18.87 4.40
N SER A 108 5.02 -23.04 4.64
CA SER A 108 5.64 -21.98 5.47
C SER A 108 4.70 -20.76 5.50
N THR A 109 4.90 -19.85 6.45
CA THR A 109 4.07 -18.61 6.49
C THR A 109 4.28 -17.79 5.21
N GLN A 110 3.20 -17.43 4.53
CA GLN A 110 3.28 -16.54 3.36
C GLN A 110 2.48 -15.27 3.68
N LEU A 111 3.09 -14.12 3.46
CA LEU A 111 2.41 -12.83 3.70
C LEU A 111 2.18 -12.15 2.36
N TRP A 112 0.91 -11.93 2.04
CA TRP A 112 0.55 -11.35 0.72
C TRP A 112 -0.04 -9.95 0.84
N LEU A 113 0.35 -9.07 -0.07
CA LEU A 113 -0.30 -7.74 -0.14
C LEU A 113 -0.73 -7.59 -1.60
N ILE A 114 -2.03 -7.43 -1.81
CA ILE A 114 -2.56 -7.36 -3.20
C ILE A 114 -2.94 -5.92 -3.51
N THR A 115 -2.48 -5.44 -4.65
CA THR A 115 -2.75 -4.08 -5.08
C THR A 115 -3.14 -4.07 -6.55
N HIS A 116 -3.49 -2.87 -7.08
CA HIS A 116 -3.73 -2.69 -8.50
C HIS A 116 -2.43 -3.06 -9.26
N TYR A 117 -2.59 -3.52 -10.50
CA TYR A 117 -1.50 -3.95 -11.36
C TYR A 117 -1.21 -2.87 -12.41
N HIS A 118 0.04 -2.41 -12.51
CA HIS A 118 0.46 -1.39 -13.47
C HIS A 118 1.45 -2.01 -14.41
N GLU A 119 0.93 -2.46 -15.55
CA GLU A 119 1.69 -3.22 -16.55
C GLU A 119 2.94 -2.52 -17.09
N MET A 120 3.01 -1.17 -17.01
CA MET A 120 4.21 -0.43 -17.46
C MET A 120 5.41 -0.60 -16.54
N GLY A 121 5.20 -1.07 -15.32
CA GLY A 121 6.31 -1.30 -14.40
C GLY A 121 6.79 -0.07 -13.63
N SER A 122 7.95 -0.18 -12.98
CA SER A 122 8.47 0.92 -12.17
C SER A 122 9.07 2.03 -13.00
N LEU A 123 9.13 3.22 -12.43
CA LEU A 123 9.76 4.39 -13.05
C LEU A 123 11.23 4.13 -13.27
N TYR A 124 11.90 3.46 -12.33
CA TYR A 124 13.33 3.16 -12.47
C TYR A 124 13.60 2.37 -13.78
N ASP A 125 12.82 1.32 -14.04
CA ASP A 125 12.99 0.52 -15.26
C ASP A 125 12.49 1.25 -16.49
N TYR A 126 11.43 2.04 -16.34
CA TYR A 126 10.85 2.82 -17.42
C TYR A 126 11.85 3.83 -17.98
N LEU A 127 12.56 4.54 -17.11
CA LEU A 127 13.57 5.52 -17.51
C LEU A 127 14.73 4.89 -18.30
N GLN A 128 14.88 3.57 -18.19
CA GLN A 128 15.97 2.86 -18.90
C GLN A 128 15.48 2.33 -20.26
N LEU A 129 14.16 2.22 -20.45
CA LEU A 129 13.61 1.75 -21.71
C LEU A 129 13.30 2.88 -22.69
N THR A 130 13.15 4.15 -22.21
CA THR A 130 12.77 5.24 -23.12
C THR A 130 13.26 6.62 -22.70
N THR A 131 13.30 7.56 -23.66
CA THR A 131 13.57 8.94 -23.33
C THR A 131 12.19 9.64 -23.16
N LEU A 132 12.19 10.87 -22.64
CA LEU A 132 10.95 11.60 -22.41
C LEU A 132 10.92 12.92 -23.15
N ASP A 133 9.70 13.42 -23.42
CA ASP A 133 9.56 14.77 -24.00
C ASP A 133 9.03 15.70 -22.86
N THR A 134 8.76 16.99 -23.13
CA THR A 134 8.29 17.90 -22.07
C THR A 134 6.96 17.43 -21.49
N VAL A 135 6.07 16.92 -22.33
CA VAL A 135 4.79 16.39 -21.90
C VAL A 135 4.94 15.21 -20.92
N SER A 136 5.69 14.16 -21.32
CA SER A 136 5.80 12.99 -20.46
C SER A 136 6.63 13.25 -19.21
N CYS A 137 7.68 14.07 -19.30
CA CYS A 137 8.49 14.44 -18.13
C CYS A 137 7.65 15.21 -17.10
N LEU A 138 6.98 16.29 -17.51
CA LEU A 138 6.14 17.05 -16.59
C LEU A 138 4.99 16.23 -16.02
N ARG A 139 4.37 15.30 -16.80
CA ARG A 139 3.28 14.48 -16.30
C ARG A 139 3.81 13.59 -15.18
N ILE A 140 5.01 13.02 -15.36
CA ILE A 140 5.60 12.16 -14.35
C ILE A 140 5.87 12.90 -13.06
N VAL A 141 6.62 14.03 -13.13
CA VAL A 141 7.02 14.72 -11.92
C VAL A 141 5.82 15.41 -11.23
N LEU A 142 4.82 15.88 -11.98
CA LEU A 142 3.66 16.47 -11.35
C LEU A 142 2.85 15.41 -10.61
N SER A 143 2.74 14.18 -11.19
CA SER A 143 1.95 13.14 -10.55
C SER A 143 2.61 12.64 -9.27
N ILE A 144 3.96 12.58 -9.25
CA ILE A 144 4.66 12.19 -8.03
C ILE A 144 4.43 13.26 -6.95
N ALA A 145 4.54 14.56 -7.32
CA ALA A 145 4.34 15.64 -6.38
C ALA A 145 2.91 15.61 -5.83
N SER A 146 1.92 15.29 -6.67
N SER A 146 1.92 15.29 -6.66
CA SER A 146 0.54 15.24 -6.25
CA SER A 146 0.53 15.24 -6.24
C SER A 146 0.29 14.12 -5.24
C SER A 146 0.27 14.11 -5.24
N GLY A 147 0.86 12.94 -5.48
CA GLY A 147 0.72 11.82 -4.56
C GLY A 147 1.42 12.12 -3.25
N LEU A 148 2.63 12.70 -3.33
CA LEU A 148 3.40 13.04 -2.12
C LEU A 148 2.66 14.11 -1.30
N ALA A 149 2.10 15.14 -1.95
CA ALA A 149 1.35 16.17 -1.19
C ALA A 149 0.11 15.54 -0.57
N HIS A 150 -0.55 14.58 -1.26
CA HIS A 150 -1.74 13.95 -0.69
C HIS A 150 -1.34 13.12 0.57
N LEU A 151 -0.20 12.43 0.52
CA LEU A 151 0.28 11.69 1.72
C LEU A 151 0.54 12.68 2.87
N HIS A 152 1.32 13.75 2.61
CA HIS A 152 1.78 14.69 3.63
C HIS A 152 0.70 15.49 4.30
N ILE A 153 -0.38 15.82 3.59
CA ILE A 153 -1.40 16.70 4.15
C ILE A 153 -2.46 15.95 4.94
N GLU A 154 -2.80 16.48 6.13
CA GLU A 154 -3.84 15.85 6.94
C GLU A 154 -5.21 16.38 6.47
N ILE A 155 -6.20 15.49 6.35
CA ILE A 155 -7.56 15.91 6.00
C ILE A 155 -8.45 15.63 7.21
N PHE A 156 -9.21 16.63 7.63
CA PHE A 156 -10.07 16.46 8.82
C PHE A 156 -11.45 15.98 8.36
N GLY A 157 -12.18 15.34 9.27
CA GLY A 157 -13.51 14.82 8.92
C GLY A 157 -13.51 13.31 8.90
N THR A 158 -14.65 12.71 8.56
CA THR A 158 -14.77 11.23 8.55
C THR A 158 -14.28 10.75 7.18
N GLN A 159 -14.17 11.67 6.21
CA GLN A 159 -13.58 11.31 4.90
C GLN A 159 -12.12 11.77 4.90
N GLY A 160 -11.56 11.98 6.09
CA GLY A 160 -10.20 12.45 6.20
C GLY A 160 -9.11 11.40 6.31
N LYS A 161 -7.93 11.87 6.68
CA LYS A 161 -6.78 11.00 6.82
C LYS A 161 -5.74 11.73 7.67
N PRO A 162 -4.96 10.98 8.46
CA PRO A 162 -3.82 11.62 9.15
C PRO A 162 -2.74 12.03 8.09
N ALA A 163 -1.80 12.87 8.50
CA ALA A 163 -0.65 13.19 7.67
C ALA A 163 0.25 11.93 7.67
N ILE A 164 0.86 11.62 6.52
CA ILE A 164 1.69 10.44 6.38
C ILE A 164 2.98 10.83 5.67
N ALA A 165 4.10 10.33 6.20
CA ALA A 165 5.41 10.47 5.54
C ALA A 165 5.83 9.09 5.04
N HIS A 166 6.49 9.00 3.90
CA HIS A 166 6.80 7.68 3.26
C HIS A 166 8.10 7.08 3.82
N ARG A 167 9.20 7.82 3.82
CA ARG A 167 10.51 7.38 4.38
C ARG A 167 11.32 6.47 3.43
N ASP A 168 10.77 6.10 2.27
CA ASP A 168 11.59 5.30 1.31
C ASP A 168 11.20 5.64 -0.13
N LEU A 169 11.07 6.92 -0.43
CA LEU A 169 10.72 7.37 -1.77
C LEU A 169 11.96 7.20 -2.67
N LYS A 170 11.75 6.61 -3.84
CA LYS A 170 12.81 6.31 -4.82
C LYS A 170 12.17 5.84 -6.12
N SER A 171 12.92 5.86 -7.23
CA SER A 171 12.33 5.52 -8.53
C SER A 171 11.85 4.08 -8.59
N LYS A 172 12.42 3.16 -7.80
CA LYS A 172 11.95 1.76 -7.80
C LYS A 172 10.60 1.58 -7.07
N ASN A 173 10.24 2.55 -6.20
CA ASN A 173 8.97 2.53 -5.48
C ASN A 173 7.89 3.38 -6.14
N ILE A 174 8.10 3.81 -7.39
CA ILE A 174 7.12 4.60 -8.11
C ILE A 174 6.75 3.80 -9.35
N LEU A 175 5.46 3.63 -9.61
CA LEU A 175 5.00 2.86 -10.74
C LEU A 175 4.43 3.76 -11.83
N VAL A 176 4.67 3.41 -13.09
CA VAL A 176 4.14 4.16 -14.21
C VAL A 176 2.78 3.58 -14.59
N LYS A 177 1.75 4.41 -14.64
CA LYS A 177 0.42 3.96 -15.03
C LYS A 177 0.25 4.03 -16.53
N LYS A 178 -0.77 3.31 -17.06
CA LYS A 178 -1.01 3.28 -18.50
C LYS A 178 -1.18 4.66 -19.10
N ASN A 179 -1.73 5.63 -18.34
CA ASN A 179 -1.93 7.00 -18.81
C ASN A 179 -0.65 7.91 -18.73
N GLY A 180 0.47 7.36 -18.26
CA GLY A 180 1.71 8.12 -18.18
C GLY A 180 1.95 8.83 -16.85
N GLN A 181 0.92 8.91 -16.01
CA GLN A 181 1.07 9.43 -14.67
C GLN A 181 1.69 8.31 -13.81
N CYS A 182 2.25 8.67 -12.67
CA CYS A 182 2.84 7.69 -11.77
C CYS A 182 1.99 7.53 -10.53
N CYS A 183 2.28 6.49 -9.74
CA CYS A 183 1.72 6.36 -8.42
C CYS A 183 2.81 5.89 -7.48
N ILE A 184 2.72 6.32 -6.24
CA ILE A 184 3.71 6.01 -5.23
C ILE A 184 3.31 4.72 -4.53
N ALA A 185 4.25 3.81 -4.39
CA ALA A 185 4.02 2.52 -3.78
C ALA A 185 4.92 2.31 -2.54
N ASP A 186 4.67 1.23 -1.75
CA ASP A 186 5.44 0.81 -0.59
C ASP A 186 5.28 1.72 0.62
N LEU A 187 4.27 1.43 1.44
CA LEU A 187 4.02 2.21 2.67
C LEU A 187 4.49 1.45 3.92
N GLY A 188 5.41 0.49 3.76
CA GLY A 188 5.89 -0.33 4.87
C GLY A 188 6.76 0.38 5.88
N LEU A 189 7.26 1.55 5.53
CA LEU A 189 8.07 2.34 6.45
C LEU A 189 7.36 3.65 6.86
N ALA A 190 6.11 3.84 6.43
CA ALA A 190 5.39 5.08 6.65
C ALA A 190 5.16 5.44 8.11
N VAL A 191 5.12 6.75 8.37
CA VAL A 191 4.80 7.27 9.70
C VAL A 191 3.55 8.13 9.60
N MET A 192 2.71 8.11 10.65
CA MET A 192 1.46 8.87 10.63
C MET A 192 1.46 9.89 11.74
N HIS A 193 0.67 10.95 11.56
CA HIS A 193 0.55 12.00 12.57
C HIS A 193 -0.80 12.67 12.43
N SER A 194 -1.41 13.01 13.57
CA SER A 194 -2.68 13.74 13.56
C SER A 194 -2.55 14.94 14.50
N GLN A 195 -2.94 16.12 14.02
CA GLN A 195 -2.90 17.38 14.77
C GLN A 195 -3.82 17.40 16.00
N SER A 196 -4.90 16.63 15.96
CA SER A 196 -5.90 16.63 17.06
C SER A 196 -5.26 16.12 18.36
N THR A 197 -4.38 15.14 18.28
CA THR A 197 -3.79 14.54 19.49
C THR A 197 -2.30 14.77 19.50
N ASN A 198 -1.75 15.35 18.43
CA ASN A 198 -0.29 15.49 18.28
C ASN A 198 0.36 14.11 18.44
N GLN A 199 -0.37 13.07 18.05
CA GLN A 199 0.19 11.71 18.21
C GLN A 199 1.01 11.33 16.98
N LEU A 200 2.23 10.86 17.22
CA LEU A 200 3.09 10.43 16.13
C LEU A 200 3.13 8.92 16.19
N ASP A 201 2.76 8.24 15.12
CA ASP A 201 2.77 6.79 15.06
C ASP A 201 3.90 6.40 14.13
N VAL A 202 4.99 5.94 14.72
CA VAL A 202 6.21 5.58 14.01
C VAL A 202 6.27 4.06 13.70
N GLY A 203 5.56 3.23 14.46
CA GLY A 203 5.55 1.79 14.22
C GLY A 203 6.76 1.07 14.78
N ASN A 204 6.89 -0.24 14.49
CA ASN A 204 7.99 -1.04 15.04
C ASN A 204 8.90 -1.69 13.99
N ASN A 205 8.91 -1.19 12.76
CA ASN A 205 9.71 -1.77 11.70
C ASN A 205 11.19 -1.40 11.83
N PRO A 206 12.13 -2.37 12.00
CA PRO A 206 13.56 -2.02 12.08
C PRO A 206 14.20 -1.65 10.71
N ARG A 207 13.46 -1.82 9.62
CA ARG A 207 13.88 -1.46 8.27
C ARG A 207 14.28 0.03 8.22
N VAL A 208 15.27 0.38 7.40
CA VAL A 208 15.64 1.79 7.20
C VAL A 208 15.51 2.10 5.70
N GLY A 209 15.53 3.37 5.34
CA GLY A 209 15.42 3.78 3.95
C GLY A 209 16.56 3.27 3.09
N THR A 210 16.40 3.37 1.78
CA THR A 210 17.42 2.99 0.81
C THR A 210 18.59 3.98 0.98
N LYS A 211 19.80 3.44 1.17
CA LYS A 211 20.95 4.24 1.49
C LYS A 211 21.22 5.37 0.50
N ARG A 212 21.19 5.07 -0.80
CA ARG A 212 21.47 6.05 -1.86
C ARG A 212 20.56 7.31 -1.77
N TYR A 213 19.35 7.13 -1.23
CA TYR A 213 18.40 8.24 -1.16
C TYR A 213 18.27 8.89 0.21
N MET A 214 19.08 8.46 1.19
CA MET A 214 18.99 8.98 2.53
C MET A 214 19.42 10.44 2.60
N ALA A 215 18.63 11.27 3.29
CA ALA A 215 18.93 12.67 3.54
C ALA A 215 20.15 12.78 4.47
N PRO A 216 20.87 13.93 4.42
CA PRO A 216 22.05 14.07 5.30
C PRO A 216 21.77 13.79 6.77
N GLU A 217 20.60 14.25 7.29
CA GLU A 217 20.23 14.10 8.69
C GLU A 217 19.92 12.64 9.11
N VAL A 218 19.60 11.78 8.12
CA VAL A 218 19.40 10.36 8.36
C VAL A 218 20.78 9.68 8.41
N LEU A 219 21.67 10.02 7.47
CA LEU A 219 23.03 9.49 7.41
C LEU A 219 23.92 9.88 8.60
N ASP A 220 23.78 11.13 9.10
CA ASP A 220 24.57 11.53 10.26
C ASP A 220 23.80 11.30 11.59
N GLU A 221 22.58 10.74 11.52
CA GLU A 221 21.71 10.40 12.62
C GLU A 221 21.41 11.60 13.52
N THR A 222 21.33 12.80 12.96
CA THR A 222 20.88 13.97 13.73
C THR A 222 19.37 14.24 13.56
N ILE A 223 18.66 13.46 12.74
CA ILE A 223 17.22 13.64 12.54
C ILE A 223 16.45 13.54 13.88
N GLN A 224 15.55 14.50 14.14
CA GLN A 224 14.77 14.48 15.38
C GLN A 224 13.65 13.45 15.15
N VAL A 225 13.82 12.25 15.69
CA VAL A 225 12.93 11.11 15.47
C VAL A 225 11.52 11.26 16.02
N ASP A 226 11.29 12.17 16.96
CA ASP A 226 9.95 12.36 17.51
C ASP A 226 9.21 13.55 16.88
N CYS A 227 9.70 14.03 15.73
CA CYS A 227 9.11 15.18 15.05
C CYS A 227 8.59 14.75 13.69
N PHE A 228 7.25 14.74 13.50
CA PHE A 228 6.69 14.34 12.20
C PHE A 228 7.26 15.13 11.02
N ASP A 229 7.41 16.45 11.19
CA ASP A 229 7.94 17.32 10.15
C ASP A 229 9.29 16.85 9.62
N SER A 230 10.15 16.28 10.48
CA SER A 230 11.45 15.79 10.06
C SER A 230 11.33 14.72 8.96
N TYR A 231 10.32 13.84 9.09
CA TYR A 231 10.09 12.75 8.12
C TYR A 231 9.58 13.29 6.79
N LYS A 232 8.78 14.36 6.82
CA LYS A 232 8.36 15.00 5.56
C LYS A 232 9.60 15.56 4.82
N ARG A 233 10.56 16.17 5.55
CA ARG A 233 11.75 16.74 4.90
C ARG A 233 12.64 15.68 4.28
N VAL A 234 12.68 14.49 4.87
CA VAL A 234 13.44 13.37 4.32
C VAL A 234 12.82 12.97 2.96
N ASP A 235 11.46 12.93 2.89
CA ASP A 235 10.77 12.62 1.64
C ASP A 235 11.08 13.67 0.58
N ILE A 236 11.12 14.95 0.96
CA ILE A 236 11.41 16.03 0.00
C ILE A 236 12.82 15.88 -0.58
N TRP A 237 13.84 15.58 0.27
CA TRP A 237 15.19 15.31 -0.21
C TRP A 237 15.17 14.19 -1.31
N ALA A 238 14.52 13.07 -1.00
CA ALA A 238 14.45 11.91 -1.90
C ALA A 238 13.66 12.28 -3.18
N PHE A 239 12.65 13.13 -3.07
CA PHE A 239 11.88 13.59 -4.23
C PHE A 239 12.81 14.37 -5.16
N GLY A 240 13.66 15.24 -4.61
CA GLY A 240 14.62 15.99 -5.42
C GLY A 240 15.53 15.08 -6.21
N LEU A 241 15.97 13.96 -5.60
CA LEU A 241 16.84 13.00 -6.29
C LEU A 241 16.07 12.32 -7.43
N VAL A 242 14.79 12.00 -7.22
CA VAL A 242 13.95 11.38 -8.25
C VAL A 242 13.72 12.36 -9.38
N LEU A 243 13.51 13.65 -9.06
CA LEU A 243 13.35 14.71 -10.06
C LEU A 243 14.57 14.74 -10.99
N TRP A 244 15.77 14.64 -10.41
CA TRP A 244 17.03 14.66 -11.13
C TRP A 244 17.13 13.45 -12.04
N GLU A 245 16.72 12.27 -11.57
CA GLU A 245 16.76 11.05 -12.40
C GLU A 245 15.88 11.17 -13.64
N VAL A 246 14.69 11.75 -13.46
CA VAL A 246 13.71 11.90 -14.53
C VAL A 246 14.14 12.96 -15.50
N ALA A 247 14.55 14.15 -14.99
CA ALA A 247 14.94 15.27 -15.87
C ALA A 247 16.06 14.91 -16.82
N ARG A 248 16.99 14.04 -16.39
CA ARG A 248 18.11 13.59 -17.23
C ARG A 248 17.66 12.91 -18.50
N ARG A 249 16.48 12.27 -18.46
CA ARG A 249 15.94 11.51 -19.58
C ARG A 249 15.04 12.34 -20.50
N MET A 250 14.83 13.62 -20.20
CA MET A 250 14.01 14.45 -21.08
C MET A 250 14.93 15.04 -22.14
N VAL A 251 14.60 14.83 -23.42
CA VAL A 251 15.40 15.33 -24.54
C VAL A 251 15.20 16.83 -24.69
N SER A 252 16.29 17.56 -24.90
CA SER A 252 16.25 18.99 -25.20
C SER A 252 17.33 19.29 -26.21
N ASN A 253 16.93 19.88 -27.35
CA ASN A 253 17.83 20.26 -28.43
C ASN A 253 18.70 19.09 -28.93
N GLY A 254 18.06 17.94 -29.16
CA GLY A 254 18.71 16.72 -29.62
C GLY A 254 19.60 16.01 -28.61
N ILE A 255 19.71 16.56 -27.39
CA ILE A 255 20.57 16.02 -26.33
C ILE A 255 19.75 15.35 -25.23
N VAL A 256 20.30 14.28 -24.64
CA VAL A 256 19.72 13.55 -23.53
C VAL A 256 20.84 12.83 -22.75
N GLU A 257 20.66 12.66 -21.43
CA GLU A 257 21.63 11.94 -20.62
C GLU A 257 21.21 10.49 -20.53
N ASP A 258 22.18 9.60 -20.32
CA ASP A 258 21.89 8.20 -20.08
C ASP A 258 21.23 8.08 -18.69
N TYR A 259 20.49 7.01 -18.44
CA TYR A 259 19.90 6.79 -17.13
C TYR A 259 21.05 6.49 -16.16
N LYS A 260 21.08 7.20 -15.03
CA LYS A 260 22.02 6.94 -13.95
C LYS A 260 21.27 7.14 -12.63
N PRO A 261 21.58 6.31 -11.61
CA PRO A 261 21.01 6.55 -10.28
C PRO A 261 21.71 7.78 -9.64
N PRO A 262 21.11 8.41 -8.60
CA PRO A 262 21.77 9.55 -7.97
C PRO A 262 23.12 9.13 -7.35
N PHE A 263 24.16 9.96 -7.48
CA PHE A 263 25.50 9.72 -6.93
C PHE A 263 26.27 8.57 -7.64
N TYR A 264 25.85 8.21 -8.88
CA TYR A 264 26.45 7.13 -9.69
C TYR A 264 27.97 7.25 -9.86
N ASP A 265 28.45 8.48 -9.87
CA ASP A 265 29.83 8.77 -10.14
C ASP A 265 30.74 8.77 -8.93
N VAL A 266 30.16 8.82 -7.71
CA VAL A 266 30.97 8.95 -6.50
C VAL A 266 30.77 7.79 -5.50
N VAL A 267 29.77 6.92 -5.70
CA VAL A 267 29.59 5.77 -4.81
C VAL A 267 29.46 4.49 -5.65
N PRO A 268 29.76 3.30 -5.08
CA PRO A 268 29.59 2.06 -5.87
C PRO A 268 28.13 1.60 -5.92
N ASN A 269 27.88 0.47 -6.62
CA ASN A 269 26.56 -0.18 -6.59
C ASN A 269 26.39 -0.73 -5.16
N ASP A 270 25.19 -0.69 -4.62
CA ASP A 270 24.93 -1.07 -3.22
C ASP A 270 25.86 -0.29 -2.25
N PRO A 271 25.80 1.07 -2.26
CA PRO A 271 26.71 1.84 -1.40
C PRO A 271 26.43 1.56 0.06
N SER A 272 27.46 1.67 0.90
CA SER A 272 27.29 1.49 2.33
C SER A 272 26.81 2.83 2.94
N PHE A 273 26.39 2.81 4.23
CA PHE A 273 26.00 4.03 4.93
C PHE A 273 27.17 5.02 4.95
N GLU A 274 28.41 4.51 5.14
CA GLU A 274 29.59 5.35 5.20
C GLU A 274 29.95 5.94 3.85
N ASP A 275 29.74 5.18 2.74
CA ASP A 275 29.99 5.73 1.39
C ASP A 275 29.09 6.95 1.17
N MET A 276 27.79 6.81 1.52
CA MET A 276 26.82 7.89 1.40
C MET A 276 27.10 9.06 2.35
N ARG A 277 27.43 8.76 3.61
CA ARG A 277 27.68 9.81 4.60
C ARG A 277 28.86 10.68 4.19
N LYS A 278 29.93 10.08 3.65
CA LYS A 278 31.09 10.85 3.20
C LYS A 278 30.73 11.78 2.04
N VAL A 279 29.94 11.29 1.08
CA VAL A 279 29.57 12.11 -0.09
C VAL A 279 28.61 13.27 0.30
N VAL A 280 27.50 12.94 0.95
CA VAL A 280 26.39 13.83 1.27
C VAL A 280 26.63 14.73 2.48
N CYS A 281 27.20 14.19 3.57
CA CYS A 281 27.43 14.96 4.79
C CYS A 281 28.82 15.56 4.86
N VAL A 282 29.85 14.72 4.76
CA VAL A 282 31.22 15.21 4.93
C VAL A 282 31.61 16.16 3.82
N ASP A 283 31.42 15.76 2.56
CA ASP A 283 31.79 16.55 1.39
C ASP A 283 30.70 17.43 0.82
N GLN A 284 29.45 17.31 1.34
CA GLN A 284 28.27 18.09 0.97
C GLN A 284 28.04 18.13 -0.54
N GLN A 285 28.19 16.98 -1.17
CA GLN A 285 28.01 16.88 -2.60
C GLN A 285 26.55 16.67 -2.89
N ARG A 286 26.15 17.13 -4.06
CA ARG A 286 24.80 17.00 -4.61
C ARG A 286 24.91 16.55 -6.08
N PRO A 287 23.85 15.96 -6.67
CA PRO A 287 23.91 15.60 -8.09
C PRO A 287 24.26 16.82 -8.97
N ASN A 288 25.05 16.59 -10.03
CA ASN A 288 25.50 17.66 -10.92
C ASN A 288 24.44 18.01 -11.93
N ILE A 289 24.26 19.30 -12.21
CA ILE A 289 23.29 19.73 -13.20
C ILE A 289 23.97 19.84 -14.56
N PRO A 290 23.56 19.03 -15.55
CA PRO A 290 24.18 19.11 -16.88
C PRO A 290 24.05 20.52 -17.48
N ASN A 291 25.10 21.03 -18.16
CA ASN A 291 25.07 22.36 -18.75
C ASN A 291 23.92 22.57 -19.73
N ARG A 292 23.57 21.53 -20.52
CA ARG A 292 22.49 21.66 -21.52
C ARG A 292 21.09 21.98 -20.92
N TRP A 293 20.89 21.71 -19.61
CA TRP A 293 19.59 22.00 -18.98
C TRP A 293 19.30 23.50 -18.91
N PHE A 294 20.36 24.33 -18.85
CA PHE A 294 20.17 25.77 -18.78
C PHE A 294 19.71 26.40 -20.13
N SER A 295 19.80 25.64 -21.24
CA SER A 295 19.32 26.10 -22.54
C SER A 295 17.82 25.78 -22.74
N ASP A 296 17.21 24.94 -21.87
CA ASP A 296 15.81 24.55 -21.95
C ASP A 296 15.04 25.12 -20.77
N PRO A 297 13.93 25.86 -21.02
CA PRO A 297 13.18 26.46 -19.89
C PRO A 297 12.60 25.48 -18.87
N THR A 298 12.07 24.31 -19.30
CA THR A 298 11.48 23.31 -18.42
C THR A 298 12.57 22.72 -17.49
N LEU A 299 13.74 22.35 -18.06
CA LEU A 299 14.82 21.78 -17.28
C LEU A 299 15.46 22.82 -16.36
N THR A 300 15.52 24.09 -16.80
CA THR A 300 16.03 25.18 -15.98
C THR A 300 15.17 25.32 -14.71
N SER A 301 13.84 25.20 -14.88
CA SER A 301 12.89 25.27 -13.79
C SER A 301 13.02 24.06 -12.85
N LEU A 302 13.18 22.85 -13.40
CA LEU A 302 13.33 21.64 -12.60
C LEU A 302 14.65 21.67 -11.81
N ALA A 303 15.74 22.19 -12.40
CA ALA A 303 17.04 22.32 -11.71
C ALA A 303 16.88 23.24 -10.48
N LYS A 304 16.09 24.32 -10.62
CA LYS A 304 15.79 25.25 -9.52
C LYS A 304 15.01 24.51 -8.38
N LEU A 305 13.98 23.72 -8.74
CA LEU A 305 13.20 22.95 -7.77
C LEU A 305 14.05 21.93 -7.03
N MET A 306 14.85 21.14 -7.77
CA MET A 306 15.74 20.10 -7.24
C MET A 306 16.64 20.67 -6.13
N LYS A 307 17.27 21.81 -6.42
CA LYS A 307 18.20 22.44 -5.49
C LYS A 307 17.49 22.88 -4.21
N GLU A 308 16.22 23.25 -4.31
CA GLU A 308 15.42 23.62 -3.16
C GLU A 308 14.98 22.40 -2.32
N CYS A 309 15.19 21.16 -2.82
CA CYS A 309 14.95 19.93 -2.05
C CYS A 309 16.24 19.50 -1.32
N TRP A 310 17.41 20.07 -1.70
CA TRP A 310 18.71 19.55 -1.26
C TRP A 310 19.48 20.36 -0.28
N TYR A 311 18.84 21.32 0.41
CA TYR A 311 19.55 22.07 1.44
C TYR A 311 20.00 21.14 2.57
N GLN A 312 21.17 21.37 3.19
CA GLN A 312 21.61 20.58 4.32
C GLN A 312 20.65 20.78 5.50
N ASN A 313 20.21 22.05 5.72
CA ASN A 313 19.26 22.34 6.78
C ASN A 313 17.89 21.89 6.28
N PRO A 314 17.28 20.88 6.94
CA PRO A 314 16.00 20.35 6.44
C PRO A 314 14.90 21.40 6.44
N SER A 315 14.94 22.34 7.39
CA SER A 315 13.93 23.40 7.49
C SER A 315 13.87 24.29 6.25
N ALA A 316 14.99 24.44 5.55
CA ALA A 316 15.02 25.29 4.35
C ALA A 316 14.33 24.64 3.15
N ARG A 317 14.13 23.30 3.16
CA ARG A 317 13.52 22.61 2.05
C ARG A 317 12.06 22.97 1.87
N LEU A 318 11.64 23.05 0.62
CA LEU A 318 10.28 23.40 0.30
C LEU A 318 9.29 22.25 0.54
N THR A 319 7.99 22.55 0.69
CA THR A 319 6.99 21.50 0.95
C THR A 319 6.56 20.77 -0.33
N ALA A 320 5.91 19.60 -0.20
CA ALA A 320 5.39 18.86 -1.34
C ALA A 320 4.32 19.71 -2.06
N LEU A 321 3.51 20.46 -1.30
CA LEU A 321 2.49 21.31 -1.89
C LEU A 321 3.11 22.42 -2.73
N ARG A 322 4.22 23.05 -2.27
CA ARG A 322 4.90 24.12 -3.03
C ARG A 322 5.54 23.54 -4.32
N ILE A 323 6.03 22.30 -4.27
CA ILE A 323 6.56 21.63 -5.47
C ILE A 323 5.43 21.43 -6.50
N LYS A 324 4.30 20.88 -6.04
CA LYS A 324 3.13 20.60 -6.87
C LYS A 324 2.64 21.89 -7.57
N LYS A 325 2.54 22.99 -6.81
CA LYS A 325 2.12 24.28 -7.36
C LYS A 325 3.10 24.82 -8.38
N THR A 326 4.39 24.67 -8.14
CA THR A 326 5.43 25.12 -9.07
C THR A 326 5.33 24.32 -10.37
N LEU A 327 5.14 23.01 -10.26
CA LEU A 327 5.02 22.14 -11.43
C LEU A 327 3.77 22.39 -12.23
N THR A 328 2.68 22.80 -11.57
CA THR A 328 1.42 23.11 -12.25
C THR A 328 1.57 24.40 -13.12
N LYS A 329 2.56 25.24 -12.80
CA LYS A 329 2.77 26.52 -13.52
C LYS A 329 3.76 26.36 -14.68
N ILE A 330 4.37 25.18 -14.82
CA ILE A 330 5.29 24.90 -15.96
C ILE A 330 4.52 24.11 -17.01
N GLY B 1 -18.37 -28.18 18.63
CA GLY B 1 -17.00 -28.38 18.18
C GLY B 1 -16.03 -27.39 18.80
N PRO B 2 -14.72 -27.73 18.83
CA PRO B 2 -13.74 -26.79 19.41
C PRO B 2 -13.61 -25.49 18.61
N GLY B 3 -13.20 -24.44 19.29
CA GLY B 3 -12.94 -23.14 18.68
C GLY B 3 -14.12 -22.27 18.32
N VAL B 4 -15.35 -22.83 18.25
CA VAL B 4 -16.52 -22.04 17.86
C VAL B 4 -17.81 -22.46 18.58
N GLN B 5 -18.49 -21.48 19.21
CA GLN B 5 -19.76 -21.67 19.93
C GLN B 5 -20.89 -21.13 19.05
N VAL B 6 -21.96 -21.94 18.83
CA VAL B 6 -23.08 -21.58 17.97
C VAL B 6 -24.35 -21.35 18.77
N GLU B 7 -24.78 -20.09 18.92
CA GLU B 7 -26.00 -19.75 19.64
C GLU B 7 -27.07 -19.36 18.61
N THR B 8 -28.13 -20.17 18.46
CA THR B 8 -29.15 -19.92 17.44
C THR B 8 -30.04 -18.72 17.77
N ILE B 9 -30.25 -17.86 16.80
CA ILE B 9 -31.11 -16.70 16.84
C ILE B 9 -32.44 -17.11 16.24
N SER B 10 -32.43 -17.74 15.05
CA SER B 10 -33.65 -18.25 14.41
C SER B 10 -33.33 -19.53 13.66
N PRO B 11 -34.24 -20.52 13.67
CA PRO B 11 -33.90 -21.82 13.09
C PRO B 11 -33.86 -21.87 11.58
N GLY B 12 -33.13 -22.84 11.06
CA GLY B 12 -33.15 -23.14 9.65
C GLY B 12 -34.20 -24.22 9.40
N ASP B 13 -34.09 -24.93 8.27
CA ASP B 13 -35.05 -26.02 8.01
C ASP B 13 -34.73 -27.30 8.84
N GLY B 14 -33.55 -27.34 9.48
CA GLY B 14 -33.10 -28.45 10.29
C GLY B 14 -32.70 -29.69 9.53
N ARG B 15 -32.62 -29.62 8.19
CA ARG B 15 -32.26 -30.79 7.38
C ARG B 15 -31.22 -30.51 6.30
N THR B 16 -31.18 -29.28 5.77
CA THR B 16 -30.23 -28.94 4.70
C THR B 16 -29.00 -28.29 5.30
N PHE B 17 -27.95 -29.08 5.53
CA PHE B 17 -26.69 -28.61 6.11
C PHE B 17 -25.64 -28.56 5.00
N PRO B 18 -24.79 -27.53 5.03
CA PRO B 18 -23.78 -27.39 3.97
C PRO B 18 -22.82 -28.55 3.88
N LYS B 19 -22.56 -28.97 2.65
CA LYS B 19 -21.62 -30.05 2.36
C LYS B 19 -20.40 -29.48 1.66
N ARG B 20 -19.27 -30.18 1.78
CA ARG B 20 -17.99 -29.88 1.11
C ARG B 20 -18.24 -29.69 -0.40
N GLY B 21 -17.75 -28.58 -0.94
CA GLY B 21 -17.91 -28.25 -2.36
C GLY B 21 -19.11 -27.38 -2.66
N GLN B 22 -20.04 -27.23 -1.68
CA GLN B 22 -21.17 -26.35 -1.89
C GLN B 22 -20.76 -24.93 -1.58
N THR B 23 -21.42 -23.99 -2.23
CA THR B 23 -21.19 -22.58 -1.98
C THR B 23 -22.23 -22.14 -0.99
N CYS B 24 -21.79 -21.51 0.11
CA CYS B 24 -22.62 -20.96 1.17
C CYS B 24 -22.83 -19.50 0.85
N VAL B 25 -24.09 -19.06 0.88
CA VAL B 25 -24.44 -17.67 0.64
C VAL B 25 -24.96 -17.17 1.96
N VAL B 26 -24.27 -16.20 2.57
CA VAL B 26 -24.63 -15.74 3.90
C VAL B 26 -24.68 -14.22 4.03
N HIS B 27 -25.35 -13.75 5.08
CA HIS B 27 -25.26 -12.38 5.54
C HIS B 27 -24.56 -12.46 6.90
N TYR B 28 -23.63 -11.53 7.16
CA TYR B 28 -22.92 -11.54 8.42
C TYR B 28 -22.67 -10.15 8.97
N THR B 29 -22.47 -10.08 10.29
CA THR B 29 -21.97 -8.89 10.96
C THR B 29 -20.90 -9.42 11.91
N GLY B 30 -19.67 -8.91 11.78
CA GLY B 30 -18.56 -9.30 12.64
C GLY B 30 -18.21 -8.22 13.66
N MET B 31 -18.00 -8.61 14.91
CA MET B 31 -17.66 -7.69 15.99
C MET B 31 -16.54 -8.26 16.85
N LEU B 32 -15.78 -7.35 17.52
CA LEU B 32 -14.82 -7.74 18.51
C LEU B 32 -15.62 -8.03 19.82
N GLU B 33 -14.96 -8.63 20.84
CA GLU B 33 -15.61 -8.96 22.10
C GLU B 33 -16.24 -7.77 22.82
N ASP B 34 -15.71 -6.57 22.59
CA ASP B 34 -16.27 -5.36 23.18
C ASP B 34 -17.42 -4.75 22.35
N GLY B 35 -17.90 -5.48 21.33
CA GLY B 35 -19.00 -5.09 20.48
C GLY B 35 -18.65 -4.21 19.30
N LYS B 36 -17.37 -3.81 19.16
CA LYS B 36 -16.98 -2.96 18.02
C LYS B 36 -17.14 -3.72 16.70
N LYS B 37 -18.02 -3.23 15.81
CA LYS B 37 -18.26 -3.83 14.52
C LYS B 37 -17.06 -3.55 13.61
N PHE B 38 -16.54 -4.59 12.97
CA PHE B 38 -15.39 -4.42 12.06
C PHE B 38 -15.75 -4.72 10.60
N ASP B 39 -16.89 -5.39 10.34
CA ASP B 39 -17.28 -5.71 8.97
C ASP B 39 -18.72 -6.19 8.96
N SER B 40 -19.49 -5.85 7.92
CA SER B 40 -20.86 -6.34 7.81
C SER B 40 -21.34 -6.38 6.38
N SER B 41 -21.71 -7.56 5.88
CA SER B 41 -22.32 -7.68 4.56
C SER B 41 -23.74 -7.08 4.54
N ARG B 42 -24.43 -7.02 5.70
N ARG B 42 -24.42 -7.03 5.70
CA ARG B 42 -25.75 -6.44 5.82
CA ARG B 42 -27.05 -6.20 6.39
CA ARG B 42 -25.75 -6.45 5.79
C ARG B 42 -25.70 -4.93 5.54
C ARG B 42 -25.71 -4.93 5.53
N ASP B 43 -24.64 -4.24 5.99
CA ASP B 43 -24.48 -2.80 5.72
C ASP B 43 -24.25 -2.52 4.23
N ARG B 44 -23.59 -3.45 3.53
CA ARG B 44 -23.37 -3.34 2.09
C ARG B 44 -24.57 -3.80 1.27
N ASN B 45 -25.57 -4.44 1.89
CA ASN B 45 -26.73 -5.06 1.25
C ASN B 45 -26.24 -6.05 0.16
N LYS B 46 -25.17 -6.80 0.47
CA LYS B 46 -24.59 -7.73 -0.51
C LYS B 46 -24.17 -9.02 0.15
N PRO B 47 -24.91 -10.10 -0.08
CA PRO B 47 -24.56 -11.39 0.54
C PRO B 47 -23.15 -11.84 0.17
N PHE B 48 -22.50 -12.54 1.08
CA PHE B 48 -21.14 -13.03 0.98
C PHE B 48 -21.16 -14.51 0.61
N LYS B 49 -20.30 -14.93 -0.32
CA LYS B 49 -20.29 -16.33 -0.76
C LYS B 49 -18.94 -16.97 -0.55
N PHE B 50 -18.93 -18.24 -0.12
CA PHE B 50 -17.68 -18.97 0.03
C PHE B 50 -17.94 -20.45 -0.20
N MET B 51 -16.95 -21.16 -0.75
CA MET B 51 -17.10 -22.60 -0.94
C MET B 51 -16.63 -23.37 0.28
N LEU B 52 -17.49 -24.22 0.85
CA LEU B 52 -17.12 -25.02 2.01
C LEU B 52 -16.02 -26.02 1.68
N GLY B 53 -14.97 -26.02 2.48
CA GLY B 53 -13.84 -26.94 2.28
C GLY B 53 -12.67 -26.36 1.53
N LYS B 54 -12.81 -25.15 1.00
CA LYS B 54 -11.78 -24.50 0.22
C LYS B 54 -10.82 -23.62 1.10
N GLN B 55 -11.12 -23.45 2.41
CA GLN B 55 -10.35 -22.63 3.34
C GLN B 55 -10.25 -21.17 2.93
N GLU B 56 -11.31 -20.66 2.29
CA GLU B 56 -11.43 -19.25 1.86
C GLU B 56 -11.83 -18.33 3.03
N VAL B 57 -12.27 -18.91 4.15
CA VAL B 57 -12.68 -18.19 5.34
C VAL B 57 -11.97 -18.87 6.53
N ILE B 58 -11.93 -18.17 7.66
CA ILE B 58 -11.32 -18.70 8.88
C ILE B 58 -11.96 -20.02 9.31
N ARG B 59 -11.18 -20.85 9.97
CA ARG B 59 -11.61 -22.18 10.38
C ARG B 59 -12.89 -22.19 11.19
N GLY B 60 -13.07 -21.19 12.05
CA GLY B 60 -14.27 -21.06 12.87
C GLY B 60 -15.53 -20.92 12.03
N TRP B 61 -15.40 -20.23 10.86
CA TRP B 61 -16.51 -20.07 9.93
C TRP B 61 -16.81 -21.35 9.20
N GLU B 62 -15.77 -22.06 8.70
CA GLU B 62 -15.97 -23.33 8.02
C GLU B 62 -16.69 -24.33 8.92
N GLU B 63 -16.26 -24.43 10.18
CA GLU B 63 -16.85 -25.40 11.10
C GLU B 63 -18.15 -24.95 11.75
N GLY B 64 -18.31 -23.66 11.98
CA GLY B 64 -19.54 -23.11 12.54
C GLY B 64 -20.69 -23.12 11.55
N VAL B 65 -20.47 -22.64 10.30
CA VAL B 65 -21.49 -22.62 9.25
C VAL B 65 -21.89 -24.06 8.82
N ALA B 66 -20.96 -25.01 8.90
CA ALA B 66 -21.25 -26.42 8.56
C ALA B 66 -22.31 -27.04 9.52
N GLN B 67 -22.45 -26.48 10.74
CA GLN B 67 -23.42 -26.94 11.72
C GLN B 67 -24.78 -26.26 11.56
N MET B 68 -24.90 -25.29 10.65
CA MET B 68 -26.12 -24.54 10.44
C MET B 68 -26.92 -25.12 9.27
N SER B 69 -28.25 -25.00 9.34
CA SER B 69 -29.10 -25.47 8.25
C SER B 69 -29.63 -24.27 7.46
N VAL B 70 -30.06 -24.47 6.20
CA VAL B 70 -30.51 -23.35 5.36
C VAL B 70 -31.64 -22.55 6.01
N GLY B 71 -31.43 -21.25 6.14
CA GLY B 71 -32.37 -20.33 6.76
C GLY B 71 -32.00 -19.94 8.19
N GLN B 72 -31.08 -20.68 8.80
CA GLN B 72 -30.70 -20.45 10.18
C GLN B 72 -29.92 -19.18 10.37
N ARG B 73 -30.18 -18.48 11.47
CA ARG B 73 -29.39 -17.32 11.87
C ARG B 73 -28.82 -17.67 13.23
N ALA B 74 -27.51 -17.46 13.42
CA ALA B 74 -26.84 -17.84 14.66
C ALA B 74 -25.68 -16.90 14.97
N LYS B 75 -25.35 -16.79 16.24
CA LYS B 75 -24.25 -16.02 16.71
C LYS B 75 -23.10 -17.00 16.94
N LEU B 76 -21.98 -16.82 16.21
CA LEU B 76 -20.79 -17.66 16.31
C LEU B 76 -19.75 -16.91 17.13
N THR B 77 -19.28 -17.50 18.24
CA THR B 77 -18.19 -16.90 19.01
C THR B 77 -16.95 -17.77 18.70
N ILE B 78 -15.97 -17.20 17.99
CA ILE B 78 -14.78 -17.88 17.51
C ILE B 78 -13.52 -17.50 18.28
N SER B 79 -12.85 -18.50 18.85
CA SER B 79 -11.60 -18.33 19.58
C SER B 79 -10.45 -17.95 18.61
N PRO B 80 -9.43 -17.22 19.09
CA PRO B 80 -8.39 -16.71 18.16
C PRO B 80 -7.63 -17.76 17.33
N ASP B 81 -7.40 -18.96 17.84
CA ASP B 81 -6.72 -20.02 17.03
C ASP B 81 -7.60 -20.51 15.87
N TYR B 82 -8.91 -20.24 15.89
CA TYR B 82 -9.83 -20.61 14.80
C TYR B 82 -10.16 -19.35 13.97
N ALA B 83 -9.45 -18.27 14.24
CA ALA B 83 -9.66 -17.02 13.48
C ALA B 83 -8.31 -16.48 12.97
N TYR B 84 -7.86 -15.31 13.44
CA TYR B 84 -6.64 -14.66 12.90
C TYR B 84 -5.42 -14.83 13.83
N GLY B 85 -5.59 -15.56 14.93
CA GLY B 85 -4.51 -15.94 15.83
C GLY B 85 -3.66 -14.86 16.48
N ALA B 86 -2.36 -15.18 16.65
CA ALA B 86 -1.44 -14.23 17.28
C ALA B 86 -1.22 -12.96 16.47
N THR B 87 -1.26 -13.04 15.15
CA THR B 87 -1.01 -11.86 14.31
C THR B 87 -2.19 -10.91 14.25
N GLY B 88 -3.39 -11.48 14.19
CA GLY B 88 -4.61 -10.71 13.95
C GLY B 88 -4.59 -10.29 12.49
N HIS B 89 -5.24 -9.18 12.17
CA HIS B 89 -5.19 -8.62 10.82
C HIS B 89 -4.85 -7.16 11.01
N PRO B 90 -3.57 -6.79 10.73
CA PRO B 90 -3.09 -5.43 11.04
C PRO B 90 -4.06 -4.31 10.66
N GLY B 91 -4.35 -3.44 11.62
CA GLY B 91 -5.28 -2.33 11.46
C GLY B 91 -6.77 -2.64 11.62
N ILE B 92 -7.15 -3.93 11.80
CA ILE B 92 -8.56 -4.31 11.91
C ILE B 92 -8.81 -5.23 13.14
N ILE B 93 -8.11 -6.37 13.18
CA ILE B 93 -8.28 -7.35 14.25
C ILE B 93 -7.02 -7.38 15.07
N PRO B 94 -7.10 -7.10 16.38
CA PRO B 94 -5.87 -7.16 17.21
C PRO B 94 -5.39 -8.59 17.47
N PRO B 95 -4.13 -8.76 17.94
CA PRO B 95 -3.66 -10.11 18.28
C PRO B 95 -4.54 -10.81 19.31
N HIS B 96 -4.67 -12.14 19.18
CA HIS B 96 -5.40 -13.03 20.09
C HIS B 96 -6.84 -12.62 20.34
N ALA B 97 -7.53 -12.16 19.29
CA ALA B 97 -8.90 -11.70 19.39
C ALA B 97 -9.95 -12.78 19.21
N THR B 98 -10.92 -12.82 20.15
CA THR B 98 -12.10 -13.66 20.00
C THR B 98 -13.05 -12.82 19.12
N LEU B 99 -13.61 -13.43 18.08
CA LEU B 99 -14.50 -12.72 17.17
C LEU B 99 -15.91 -13.23 17.30
N VAL B 100 -16.88 -12.31 17.25
CA VAL B 100 -18.28 -12.66 17.35
C VAL B 100 -18.97 -12.34 16.02
N PHE B 101 -19.59 -13.33 15.37
CA PHE B 101 -20.29 -13.08 14.10
C PHE B 101 -21.77 -13.45 14.19
N ASP B 102 -22.63 -12.59 13.72
CA ASP B 102 -24.05 -12.87 13.63
C ASP B 102 -24.17 -13.28 12.17
N VAL B 103 -24.42 -14.58 11.92
CA VAL B 103 -24.43 -15.13 10.56
C VAL B 103 -25.79 -15.73 10.22
N GLU B 104 -26.28 -15.43 9.01
CA GLU B 104 -27.50 -16.04 8.52
C GLU B 104 -27.16 -16.86 7.27
N LEU B 105 -27.45 -18.18 7.28
CA LEU B 105 -27.16 -19.01 6.10
C LEU B 105 -28.36 -18.83 5.17
N LEU B 106 -28.20 -18.05 4.11
CA LEU B 106 -29.33 -17.73 3.21
C LEU B 106 -29.70 -18.83 2.25
N LYS B 107 -28.69 -19.46 1.65
CA LYS B 107 -28.91 -20.54 0.70
C LYS B 107 -27.62 -21.25 0.34
N LEU B 108 -27.73 -22.36 -0.36
CA LEU B 108 -26.60 -23.14 -0.84
C LEU B 108 -26.65 -23.17 -2.37
N GLU B 109 -25.51 -22.93 -3.03
CA GLU B 109 -25.45 -22.92 -4.49
C GLU B 109 -24.48 -24.01 -5.02
C1 A1JFB C . 2.59 -3.39 -9.45
C2 A1JFB C . 3.95 -3.67 -9.19
C3 A1JFB C . 4.80 -4.06 -10.25
C11 A1JFB C . 6.53 -5.29 -15.03
C12 A1JFB C . 7.16 -4.83 -13.87
C13 A1JFB C . 6.43 -4.54 -12.72
C14 A1JFB C . 7.35 -5.55 -16.29
C15 A1JFB C . 4.52 -3.42 -7.81
C17 A1JFB C . 7.42 -4.39 -17.29
C19 A1JFB C . 7.32 -6.33 -18.65
C20 A1JFB C . 7.17 -6.80 -17.18
C21 A1JFB C . 8.46 -6.62 -16.32
C22 A1JFB C . 7.48 -4.00 -19.78
C23 A1JFB C . 6.99 -4.57 -21.15
C24 A1JFB C . 7.26 -3.58 -22.30
C26 A1JFB C . 7.27 -1.62 -20.83
C27 A1JFB C . 7.10 -2.49 -19.56
C29 A1JFB C . 6.72 -1.20 -4.47
C30 A1JFB C . 7.87 -2.23 -4.22
C4 A1JFB C . 4.25 -4.25 -11.52
C5 A1JFB C . 2.91 -3.97 -11.70
N6 A1JFB C . 2.14 -3.51 -10.70
N7 A1JFB C . 1.69 -2.95 -8.53
C8 A1JFB C . 5.04 -4.64 -12.73
C9 A1JFB C . 4.39 -5.08 -13.89
C10 A1JFB C . 5.13 -5.41 -15.04
O16 A1JFB C . 3.73 -3.40 -6.87
N18 A1JFB C . 7.07 -4.87 -18.63
O25 A1JFB C . 6.69 -2.29 -21.99
N28 A1JFB C . 5.84 -3.16 -7.72
C31 A1JFB C . 8.85 -2.22 -5.44
C32 A1JFB C . 8.06 -2.54 -6.75
C33 A1JFB C . 6.55 -2.88 -6.47
C34 A1JFB C . 5.95 -1.55 -5.80
C35 A1JFB C . 6.54 -4.07 -5.46
C36 A1JFB C . 7.19 -3.64 -4.10
O37 A1JFB C . 8.54 -1.90 -2.99
C1 EDO D . -15.92 -12.69 -2.91
O1 EDO D . -15.07 -13.71 -3.45
C2 EDO D . -16.77 -13.22 -1.77
O2 EDO D . -18.14 -12.89 -1.95
C1 EDO E . 21.14 0.51 -4.57
O1 EDO E . 21.04 1.92 -4.68
C2 EDO E . 21.75 -0.06 -5.81
O2 EDO E . 23.04 0.48 -5.98
C1 EDO F . -4.11 2.86 -9.00
O1 EDO F . -3.13 2.16 -8.26
C2 EDO F . -4.32 4.18 -8.36
O2 EDO F . -3.04 4.80 -8.46
C1 EDO G . 11.52 -5.50 -14.40
O1 EDO G . 12.22 -5.82 -15.59
C2 EDO G . 12.03 -6.35 -13.28
O2 EDO G . 13.42 -6.11 -13.09
C1 EDO H . 28.56 14.94 -7.57
O1 EDO H . 29.46 14.44 -8.56
C2 EDO H . 27.70 13.85 -6.97
O2 EDO H . 27.14 13.01 -7.96
C1 EDO I . 5.17 17.21 15.55
O1 EDO I . 5.47 15.83 15.58
C2 EDO I . 4.72 17.61 14.15
O2 EDO I . 5.82 17.90 13.29
C1 EDO J . -17.38 -12.66 -6.28
O1 EDO J . -18.42 -11.71 -6.42
C2 EDO J . -17.25 -13.53 -7.51
O2 EDO J . -16.95 -12.73 -8.65
C1 EDO K . 27.81 19.66 -5.76
O1 EDO K . 28.54 18.53 -6.22
C2 EDO K . 26.82 20.11 -6.83
O2 EDO K . 26.94 19.36 -8.03
C1 EDO L . -5.77 -20.60 -7.22
O1 EDO L . -5.23 -20.50 -5.91
C2 EDO L . -7.17 -20.05 -7.21
O2 EDO L . -8.03 -20.95 -6.54
C1 EDO M . -10.46 -2.22 -9.54
O1 EDO M . -10.74 -2.07 -10.93
C2 EDO M . -8.98 -2.40 -9.34
O2 EDO M . -8.50 -3.44 -10.17
C1 EDO N . 22.05 4.70 9.57
O1 EDO N . 21.95 5.96 8.93
C2 EDO N . 20.76 4.34 10.23
O2 EDO N . 19.73 4.35 9.27
C1 EDO O . -2.04 -18.86 -6.40
O1 EDO O . -1.74 -19.33 -7.70
C2 EDO O . -1.71 -19.88 -5.34
O2 EDO O . -0.36 -19.71 -4.89
C1 EDO P . 20.05 4.56 -21.79
O1 EDO P . 20.18 5.12 -20.50
C2 EDO P . 19.05 3.44 -21.75
O2 EDO P . 19.19 2.66 -20.57
C1 EDO Q . -20.09 -8.91 22.22
O1 EDO Q . -20.31 -9.01 20.82
C2 EDO Q . -20.07 -10.28 22.80
O2 EDO Q . -21.21 -10.98 22.35
#